data_7L65
#
_entry.id   7L65
#
_cell.length_a   32.810
_cell.length_b   56.326
_cell.length_c   34.330
_cell.angle_alpha   90.000
_cell.angle_beta   112.080
_cell.angle_gamma   90.000
#
_symmetry.space_group_name_H-M   'P 1 21 1'
#
loop_
_entity.id
_entity.type
_entity.pdbx_description
1 polymer 'Macrophage mannose receptor 1'
2 non-polymer 'CALCIUM ION'
3 non-polymer 'methyl 2-acetamido-2-deoxy-alpha-D-glucopyranoside'
4 water water
#
_entity_poly.entity_id   1
_entity_poly.type   'polypeptide(L)'
_entity_poly.pdbx_seq_one_letter_code
;ACPEDWGASSRTSLCFKLYAKGKHEKKTWFESRDFCRALGGDLASINNKEEQQTIWRLITASGSYHKLFWLGLTYGSPSE
GFTWSDGSPVSYENWAYGEPNNYQNVEYCGELKGDPTMSWNDINCEHLNNWICQI
;
_entity_poly.pdbx_strand_id   A
#
loop_
_chem_comp.id
_chem_comp.type
_chem_comp.name
_chem_comp.formula
2F8 D-saccharide 'methyl 2-acetamido-2-deoxy-alpha-D-glucopyranoside' 'C9 H17 N O6'
CA non-polymer 'CALCIUM ION' 'Ca 2'
#
# COMPACT_ATOMS: atom_id res chain seq x y z
N LEU A 14 -9.20 -6.09 11.68
CA LEU A 14 -8.97 -6.63 10.35
C LEU A 14 -7.66 -7.40 10.27
N CYS A 15 -7.66 -8.43 9.44
CA CYS A 15 -6.49 -9.28 9.23
CA CYS A 15 -6.49 -9.27 9.23
C CYS A 15 -5.77 -8.85 7.95
N PHE A 16 -4.47 -8.65 8.05
CA PHE A 16 -3.66 -8.31 6.89
C PHE A 16 -3.02 -9.56 6.31
N LYS A 17 -2.83 -9.57 4.99
CA LYS A 17 -2.10 -10.66 4.34
C LYS A 17 -1.24 -10.10 3.21
N LEU A 18 0.02 -10.52 3.18
CA LEU A 18 0.95 -10.14 2.13
C LEU A 18 0.75 -11.00 0.90
N TYR A 19 0.89 -10.38 -0.27
CA TYR A 19 0.91 -11.09 -1.55
C TYR A 19 2.15 -10.66 -2.31
N ALA A 20 3.19 -11.49 -2.24
CA ALA A 20 4.45 -11.29 -2.97
C ALA A 20 4.68 -12.59 -3.71
N LYS A 21 3.99 -12.72 -4.83
CA LYS A 21 4.03 -13.95 -5.62
C LYS A 21 5.18 -13.90 -6.62
N GLY A 22 5.04 -14.61 -7.72
CA GLY A 22 6.11 -14.70 -8.69
C GLY A 22 6.39 -13.35 -9.33
N LYS A 23 7.56 -13.28 -9.99
CA LYS A 23 7.97 -12.04 -10.62
C LYS A 23 7.01 -11.61 -11.73
N HIS A 24 6.24 -12.53 -12.30
CA HIS A 24 5.26 -12.19 -13.32
C HIS A 24 3.84 -12.21 -12.77
N GLU A 25 3.71 -12.18 -11.44
CA GLU A 25 2.41 -12.19 -10.80
C GLU A 25 2.09 -10.87 -10.12
N LYS A 26 2.95 -9.86 -10.28
CA LYS A 26 2.68 -8.55 -9.73
C LYS A 26 1.54 -7.87 -10.50
N LYS A 27 0.93 -6.88 -9.86
CA LYS A 27 -0.34 -6.33 -10.32
C LYS A 27 -0.32 -4.81 -10.24
N THR A 28 -1.14 -4.18 -11.08
CA THR A 28 -1.35 -2.75 -10.93
C THR A 28 -2.13 -2.49 -9.65
N TRP A 29 -2.25 -1.21 -9.29
CA TRP A 29 -2.99 -0.87 -8.08
C TRP A 29 -4.43 -1.35 -8.21
N PHE A 30 -5.06 -1.09 -9.36
CA PHE A 30 -6.45 -1.48 -9.57
C PHE A 30 -6.62 -2.99 -9.57
N GLU A 31 -5.70 -3.71 -10.20
CA GLU A 31 -5.80 -5.17 -10.20
C GLU A 31 -5.64 -5.71 -8.79
N SER A 32 -4.77 -5.09 -7.99
CA SER A 32 -4.57 -5.53 -6.62
C SER A 32 -5.82 -5.26 -5.79
N ARG A 33 -6.42 -4.08 -5.97
CA ARG A 33 -7.66 -3.78 -5.27
C ARG A 33 -8.74 -4.78 -5.64
N ASP A 34 -8.85 -5.10 -6.92
CA ASP A 34 -9.86 -6.07 -7.34
C ASP A 34 -9.61 -7.44 -6.72
N PHE A 35 -8.33 -7.84 -6.62
CA PHE A 35 -7.99 -9.12 -5.99
C PHE A 35 -8.46 -9.13 -4.54
N CYS A 36 -8.17 -8.06 -3.80
CA CYS A 36 -8.55 -8.04 -2.39
C CYS A 36 -10.06 -7.95 -2.23
N ARG A 37 -10.72 -7.18 -3.11
CA ARG A 37 -12.18 -7.07 -3.03
C ARG A 37 -12.85 -8.39 -3.39
N ALA A 38 -12.24 -9.18 -4.27
CA ALA A 38 -12.81 -10.49 -4.61
C ALA A 38 -12.86 -11.42 -3.39
N LEU A 39 -11.96 -11.23 -2.44
CA LEU A 39 -11.95 -11.99 -1.19
C LEU A 39 -12.91 -11.40 -0.15
N GLY A 40 -13.57 -10.30 -0.46
CA GLY A 40 -14.45 -9.65 0.48
C GLY A 40 -13.79 -8.57 1.32
N GLY A 41 -12.58 -8.16 0.97
CA GLY A 41 -11.87 -7.14 1.70
C GLY A 41 -11.46 -5.97 0.82
N ASP A 42 -10.26 -5.45 1.03
CA ASP A 42 -9.78 -4.28 0.31
C ASP A 42 -8.25 -4.28 0.41
N LEU A 43 -7.63 -3.38 -0.33
CA LEU A 43 -6.22 -3.12 -0.06
C LEU A 43 -6.07 -2.58 1.35
N ALA A 44 -4.93 -2.88 1.96
CA ALA A 44 -4.70 -2.53 3.36
C ALA A 44 -4.60 -1.03 3.59
N SER A 45 -5.28 -0.55 4.64
CA SER A 45 -5.02 0.77 5.16
CA SER A 45 -5.06 0.77 5.18
C SER A 45 -4.20 0.64 6.43
N ILE A 46 -3.21 1.51 6.59
CA ILE A 46 -2.35 1.50 7.76
C ILE A 46 -2.73 2.74 8.56
N ASN A 47 -3.45 2.54 9.66
CA ASN A 47 -4.09 3.63 10.38
C ASN A 47 -3.35 4.06 11.63
N ASN A 48 -2.30 3.33 12.02
CA ASN A 48 -1.55 3.67 13.23
C ASN A 48 -0.30 2.81 13.27
N LYS A 49 0.54 3.10 14.26
CA LYS A 49 1.80 2.38 14.41
C LYS A 49 1.60 0.91 14.70
N GLU A 50 0.51 0.54 15.39
CA GLU A 50 0.30 -0.87 15.69
C GLU A 50 0.04 -1.66 14.43
N GLU A 51 -0.83 -1.15 13.55
CA GLU A 51 -1.07 -1.83 12.28
C GLU A 51 0.21 -1.89 11.44
N GLN A 52 1.00 -0.83 11.47
CA GLN A 52 2.29 -0.85 10.77
C GLN A 52 3.18 -1.98 11.28
N GLN A 53 3.28 -2.13 12.60
N GLN A 53 3.27 -2.11 12.61
CA GLN A 53 4.13 -3.20 13.15
CA GLN A 53 4.07 -3.17 13.22
C GLN A 53 3.58 -4.58 12.82
C GLN A 53 3.57 -4.55 12.81
N THR A 54 2.25 -4.74 12.79
CA THR A 54 1.69 -6.02 12.41
C THR A 54 2.15 -6.41 11.00
N ILE A 55 2.10 -5.45 10.08
CA ILE A 55 2.51 -5.73 8.71
C ILE A 55 4.02 -5.97 8.63
N TRP A 56 4.81 -5.17 9.37
CA TRP A 56 6.24 -5.43 9.38
C TRP A 56 6.55 -6.83 9.88
N ARG A 57 5.82 -7.29 10.91
CA ARG A 57 6.06 -8.64 11.40
C ARG A 57 5.60 -9.70 10.41
N LEU A 58 4.57 -9.43 9.60
CA LEU A 58 4.25 -10.35 8.51
C LEU A 58 5.39 -10.44 7.53
N ILE A 59 6.05 -9.32 7.25
CA ILE A 59 7.19 -9.32 6.33
C ILE A 59 8.32 -10.16 6.90
N THR A 60 8.65 -9.94 8.18
CA THR A 60 9.74 -10.72 8.78
C THR A 60 9.39 -12.21 8.82
N ALA A 61 8.13 -12.54 9.12
CA ALA A 61 7.74 -13.94 9.22
C ALA A 61 7.85 -14.64 7.87
N SER A 62 7.48 -13.95 6.79
CA SER A 62 7.52 -14.58 5.48
C SER A 62 8.90 -14.57 4.88
N GLY A 63 9.81 -13.76 5.40
CA GLY A 63 11.07 -13.53 4.72
C GLY A 63 10.94 -12.74 3.44
N SER A 64 9.82 -12.03 3.24
CA SER A 64 9.58 -11.30 2.00
C SER A 64 10.23 -9.92 2.08
N TYR A 65 11.54 -9.89 2.31
CA TYR A 65 12.28 -8.65 2.48
C TYR A 65 12.56 -7.96 1.15
N HIS A 66 12.79 -6.65 1.23
CA HIS A 66 13.24 -5.83 0.10
C HIS A 66 12.22 -5.74 -1.01
N LYS A 67 10.94 -5.81 -0.65
CA LYS A 67 9.87 -5.75 -1.64
C LYS A 67 9.03 -4.50 -1.43
N LEU A 68 8.40 -4.07 -2.52
CA LEU A 68 7.45 -2.97 -2.51
C LEU A 68 6.06 -3.54 -2.63
N PHE A 69 5.10 -2.95 -1.92
CA PHE A 69 3.74 -3.47 -1.86
C PHE A 69 2.75 -2.34 -2.04
N TRP A 70 1.74 -2.56 -2.88
CA TRP A 70 0.62 -1.63 -2.89
C TRP A 70 -0.09 -1.62 -1.55
N LEU A 71 -0.44 -0.44 -1.08
CA LEU A 71 -1.40 -0.19 -0.03
C LEU A 71 -2.66 0.42 -0.65
N GLY A 72 -3.69 0.63 0.17
CA GLY A 72 -4.91 1.25 -0.32
C GLY A 72 -4.84 2.74 -0.56
N LEU A 73 -3.66 3.33 -0.65
CA LEU A 73 -3.52 4.77 -0.87
C LEU A 73 -3.82 5.11 -2.32
N THR A 74 -4.79 6.00 -2.53
CA THR A 74 -5.12 6.45 -3.86
C THR A 74 -5.54 7.91 -3.80
N TYR A 75 -5.19 8.68 -4.82
CA TYR A 75 -5.50 10.09 -4.82
C TYR A 75 -7.00 10.29 -5.02
N GLY A 76 -7.57 11.18 -4.24
CA GLY A 76 -8.95 11.58 -4.46
C GLY A 76 -9.03 12.80 -5.35
N SER A 77 -9.90 13.73 -5.01
CA SER A 77 -9.96 14.98 -5.75
C SER A 77 -8.71 15.82 -5.47
N PRO A 78 -8.44 16.84 -6.30
CA PRO A 78 -7.32 17.74 -5.98
C PRO A 78 -7.44 18.34 -4.60
N SER A 79 -8.66 18.63 -4.15
CA SER A 79 -8.81 19.19 -2.81
C SER A 79 -8.39 18.19 -1.74
N GLU A 80 -8.85 16.93 -1.86
CA GLU A 80 -8.63 15.95 -0.81
C GLU A 80 -7.19 15.46 -0.76
N GLY A 81 -6.56 15.29 -1.92
CA GLY A 81 -5.29 14.60 -1.91
C GLY A 81 -5.47 13.10 -1.67
N PHE A 82 -4.50 12.49 -1.02
CA PHE A 82 -4.55 11.05 -0.81
C PHE A 82 -5.69 10.62 0.11
N THR A 83 -6.26 9.47 -0.21
CA THR A 83 -7.32 8.82 0.54
C THR A 83 -6.97 7.34 0.68
N TRP A 84 -7.68 6.67 1.57
CA TRP A 84 -7.63 5.22 1.67
C TRP A 84 -8.79 4.62 0.91
N SER A 85 -8.52 3.56 0.15
CA SER A 85 -9.58 2.95 -0.64
CA SER A 85 -9.55 2.88 -0.64
C SER A 85 -10.73 2.44 0.21
N ASP A 86 -10.47 2.04 1.46
CA ASP A 86 -11.53 1.54 2.34
C ASP A 86 -12.31 2.65 3.03
N GLY A 87 -11.97 3.92 2.77
CA GLY A 87 -12.67 5.03 3.36
C GLY A 87 -12.14 5.49 4.70
N SER A 88 -11.14 4.80 5.26
CA SER A 88 -10.55 5.22 6.53
C SER A 88 -10.00 6.63 6.43
N PRO A 89 -10.06 7.40 7.51
CA PRO A 89 -9.42 8.72 7.50
C PRO A 89 -7.93 8.57 7.29
N VAL A 90 -7.35 9.47 6.50
CA VAL A 90 -5.89 9.57 6.38
C VAL A 90 -5.45 10.46 7.54
N SER A 91 -5.18 9.83 8.68
CA SER A 91 -4.67 10.54 9.85
C SER A 91 -3.21 10.21 10.07
N TYR A 92 -2.89 8.97 10.40
CA TYR A 92 -1.51 8.54 10.46
C TYR A 92 -0.91 8.56 9.06
N GLU A 93 0.30 9.09 8.94
CA GLU A 93 1.01 9.10 7.67
C GLU A 93 2.46 8.69 7.92
N ASN A 94 3.04 7.96 6.96
CA ASN A 94 4.43 7.54 7.07
C ASN A 94 5.14 7.66 5.73
N TRP A 95 4.93 8.78 5.05
CA TRP A 95 5.62 9.02 3.79
C TRP A 95 7.13 9.07 3.99
N ALA A 96 7.87 8.50 3.05
CA ALA A 96 9.31 8.71 3.04
C ALA A 96 9.60 10.20 2.89
N TYR A 97 10.76 10.62 3.35
CA TYR A 97 11.15 12.02 3.17
C TYR A 97 11.12 12.37 1.69
N GLY A 98 10.52 13.51 1.38
CA GLY A 98 10.37 13.95 0.00
C GLY A 98 9.11 13.46 -0.68
N GLU A 99 8.31 12.62 -0.01
CA GLU A 99 7.11 12.05 -0.57
C GLU A 99 5.88 12.57 0.16
N PRO A 100 4.70 12.61 -0.49
CA PRO A 100 4.54 12.26 -1.91
C PRO A 100 5.05 13.40 -2.78
N ASN A 101 5.62 13.05 -3.94
CA ASN A 101 6.22 14.06 -4.79
C ASN A 101 5.62 14.13 -6.18
N ASN A 102 4.62 13.31 -6.48
CA ASN A 102 4.02 13.23 -7.82
C ASN A 102 5.08 13.35 -8.92
N TYR A 103 6.06 12.47 -8.85
CA TYR A 103 7.20 12.55 -9.75
C TYR A 103 6.74 12.37 -11.19
N GLN A 104 7.07 13.36 -12.02
CA GLN A 104 6.68 13.39 -13.42
C GLN A 104 5.17 13.47 -13.62
N ASN A 105 4.43 13.85 -12.58
CA ASN A 105 3.01 14.18 -12.65
C ASN A 105 2.12 12.96 -12.87
N VAL A 106 2.61 11.75 -12.64
CA VAL A 106 1.86 10.54 -12.95
C VAL A 106 1.64 9.63 -11.76
N GLU A 107 1.90 10.09 -10.54
CA GLU A 107 1.90 9.22 -9.36
C GLU A 107 0.67 9.49 -8.50
N TYR A 108 -0.33 8.61 -8.59
CA TYR A 108 -1.59 8.80 -7.89
C TYR A 108 -1.96 7.64 -6.98
N CYS A 109 -1.05 6.69 -6.77
CA CYS A 109 -1.29 5.57 -5.85
C CYS A 109 -0.11 5.46 -4.90
N GLY A 110 -0.31 4.79 -3.78
CA GLY A 110 0.71 4.69 -2.74
C GLY A 110 1.20 3.28 -2.52
N GLU A 111 2.52 3.14 -2.38
CA GLU A 111 3.16 1.87 -2.12
C GLU A 111 3.93 1.94 -0.81
N LEU A 112 4.09 0.78 -0.19
CA LEU A 112 4.88 0.56 1.01
C LEU A 112 6.24 -0.01 0.62
N LYS A 113 7.31 0.58 1.15
CA LYS A 113 8.62 -0.05 1.09
C LYS A 113 8.75 -0.97 2.28
N GLY A 114 8.78 -2.28 2.03
CA GLY A 114 8.72 -3.25 3.10
C GLY A 114 10.04 -3.49 3.77
N ASP A 115 10.62 -2.44 4.33
CA ASP A 115 11.86 -2.51 5.10
C ASP A 115 11.53 -1.96 6.48
N PRO A 116 12.48 -1.90 7.42
CA PRO A 116 12.11 -1.48 8.79
C PRO A 116 11.46 -0.12 8.87
N THR A 117 11.76 0.80 7.93
CA THR A 117 11.16 2.13 7.97
C THR A 117 9.68 2.09 7.65
N MET A 118 9.25 1.10 6.86
CA MET A 118 7.85 0.94 6.48
C MET A 118 7.29 2.21 5.86
N SER A 119 8.13 2.90 5.07
CA SER A 119 7.75 4.21 4.55
CA SER A 119 7.76 4.20 4.55
C SER A 119 6.92 4.06 3.28
N TRP A 120 6.19 5.13 2.98
CA TRP A 120 5.30 5.18 1.83
C TRP A 120 5.86 6.05 0.71
N ASN A 121 5.52 5.69 -0.52
CA ASN A 121 5.89 6.46 -1.69
C ASN A 121 4.72 6.48 -2.65
N ASP A 122 4.47 7.63 -3.26
CA ASP A 122 3.52 7.68 -4.36
C ASP A 122 4.18 7.24 -5.66
N ILE A 123 3.49 6.39 -6.43
N ILE A 123 3.44 6.51 -6.49
CA ILE A 123 3.98 5.94 -7.73
CA ILE A 123 3.98 5.92 -7.70
C ILE A 123 2.81 5.86 -8.69
C ILE A 123 2.83 5.71 -8.67
N ASN A 124 3.15 5.61 -9.96
CA ASN A 124 2.15 5.42 -11.00
CA ASN A 124 2.13 5.43 -10.97
C ASN A 124 1.32 4.19 -10.69
N CYS A 125 -0.01 4.35 -10.75
CA CYS A 125 -0.95 3.28 -10.42
C CYS A 125 -0.84 2.09 -11.35
N GLU A 126 -0.25 2.26 -12.54
CA GLU A 126 -0.13 1.17 -13.49
C GLU A 126 1.16 0.35 -13.28
N HIS A 127 1.99 0.76 -12.33
CA HIS A 127 3.17 -0.02 -11.98
C HIS A 127 2.76 -1.37 -11.45
N LEU A 128 3.55 -2.40 -11.76
CA LEU A 128 3.30 -3.73 -11.27
C LEU A 128 4.01 -3.92 -9.93
N ASN A 129 3.24 -4.18 -8.88
CA ASN A 129 3.79 -4.32 -7.53
C ASN A 129 3.21 -5.56 -6.86
N ASN A 130 3.83 -5.94 -5.75
CA ASN A 130 3.18 -6.82 -4.78
C ASN A 130 2.07 -6.04 -4.10
N TRP A 131 1.32 -6.68 -3.20
CA TRP A 131 0.24 -5.96 -2.56
C TRP A 131 -0.09 -6.59 -1.21
N ILE A 132 -0.83 -5.83 -0.41
CA ILE A 132 -1.26 -6.28 0.91
C ILE A 132 -2.77 -6.09 1.01
N CYS A 133 -3.47 -7.15 1.34
CA CYS A 133 -4.91 -7.05 1.54
C CYS A 133 -5.23 -6.96 3.02
N GLN A 134 -6.42 -6.43 3.30
CA GLN A 134 -7.06 -6.56 4.59
C GLN A 134 -8.38 -7.29 4.38
N ILE A 135 -8.72 -8.16 5.31
CA ILE A 135 -9.92 -8.97 5.18
C ILE A 135 -10.58 -9.13 6.55
CA CA B . 6.96 9.36 -5.50
O6 2F8 C . 13.69 9.03 -5.18
C6 2F8 C . 12.31 8.83 -4.93
C5 2F8 C . 11.61 8.53 -6.21
O5 2F8 C . 12.23 7.30 -6.80
C1 2F8 C . 11.60 6.89 -8.04
O1 2F8 C . 11.76 7.88 -8.98
CM 2F8 C . 13.08 7.97 -9.45
C2 2F8 C . 10.10 6.66 -7.83
N2 2F8 C . 9.48 6.30 -9.14
C7 2F8 C . 9.21 4.90 -9.43
O7 2F8 C . 9.49 4.07 -8.63
C8 2F8 C . 8.58 4.51 -10.75
C3 2F8 C . 9.47 7.90 -7.28
O3 2F8 C . 8.06 7.65 -6.99
C4 2F8 C . 10.12 8.29 -6.02
O4 2F8 C . 9.47 9.50 -5.53
#